data_4QRI
#
_entry.id   4QRI
#
_cell.length_a   74.647
_cell.length_b   74.647
_cell.length_c   162.333
_cell.angle_alpha   90.00
_cell.angle_beta   90.00
_cell.angle_gamma   90.00
#
_symmetry.space_group_name_H-M   'P 41 21 2'
#
loop_
_entity.id
_entity.type
_entity.pdbx_description
1 polymer 'Hypoxanthine-guanine-xanthine phosphoribosyltransferase'
2 non-polymer 'SULFATE ION'
3 non-polymer DI(HYDROXYETHYL)ETHER
4 water water
#
_entity_poly.entity_id   1
_entity_poly.type   'polypeptide(L)'
_entity_poly.pdbx_seq_one_letter_code
;MHHHHHHSSGVDLGTENLYFQSNAMKKINSDILHPRFSREDISQKVKSLALQISEDYKKLNPIFICVLKGGVYFFTDLTR
EIPFSVEINFVQARSYSGTVSTGKIELLKDIDIDLSDRHVIIVEDILDTGFTLQYLVRHIFTRNPASLEIVTLLLKERKD
TLEFPVKYIGWRIPDEFLVGYGLDFDGRYRNLPDIHVLEPGEPQFPV
;
_entity_poly.pdbx_strand_id   A,B
#
loop_
_chem_comp.id
_chem_comp.type
_chem_comp.name
_chem_comp.formula
PEG non-polymer DI(HYDROXYETHYL)ETHER 'C4 H10 O3'
SO4 non-polymer 'SULFATE ION' 'O4 S -2'
#
# COMPACT_ATOMS: atom_id res chain seq x y z
N SER A 30 5.91 5.37 28.17
CA SER A 30 7.29 5.95 28.03
C SER A 30 8.15 5.08 27.08
N ASP A 31 7.66 4.90 25.86
CA ASP A 31 8.36 4.14 24.81
C ASP A 31 9.61 4.86 24.37
N ILE A 32 10.65 4.09 24.06
CA ILE A 32 11.89 4.68 23.58
C ILE A 32 12.21 4.02 22.24
N LEU A 33 12.44 4.85 21.23
CA LEU A 33 12.76 4.38 19.90
C LEU A 33 14.21 4.67 19.64
N HIS A 34 14.88 3.72 18.98
CA HIS A 34 16.28 3.90 18.58
C HIS A 34 16.40 3.62 17.10
N PRO A 35 17.33 4.28 16.40
CA PRO A 35 17.49 4.07 14.96
C PRO A 35 17.90 2.63 14.63
N ARG A 36 17.49 2.14 13.46
CA ARG A 36 17.83 0.81 13.04
C ARG A 36 18.05 0.80 11.54
N PHE A 37 16.99 0.99 10.76
CA PHE A 37 17.11 1.06 9.31
C PHE A 37 16.54 2.42 8.88
N SER A 38 17.38 3.25 8.24
CA SER A 38 16.92 4.56 7.80
C SER A 38 16.11 4.42 6.51
N ARG A 39 15.42 5.47 6.10
CA ARG A 39 14.68 5.48 4.83
C ARG A 39 15.60 5.11 3.67
N GLU A 40 16.82 5.61 3.72
N GLU A 40 16.82 5.61 3.72
CA GLU A 40 17.79 5.36 2.69
CA GLU A 40 17.78 5.34 2.66
C GLU A 40 18.27 3.90 2.71
C GLU A 40 18.25 3.89 2.71
N ASP A 41 18.46 3.32 3.90
CA ASP A 41 18.89 1.90 3.98
C ASP A 41 17.78 1.05 3.33
N ILE A 42 16.55 1.38 3.66
CA ILE A 42 15.38 0.64 3.18
C ILE A 42 15.26 0.78 1.67
N SER A 43 15.40 2.01 1.20
CA SER A 43 15.33 2.28 -0.22
C SER A 43 16.39 1.49 -0.97
N GLN A 44 17.59 1.47 -0.44
CA GLN A 44 18.64 0.73 -1.13
C GLN A 44 18.35 -0.79 -1.13
N LYS A 45 17.83 -1.29 -0.01
CA LYS A 45 17.58 -2.72 0.09
C LYS A 45 16.42 -3.10 -0.83
N VAL A 46 15.37 -2.29 -0.82
CA VAL A 46 14.25 -2.49 -1.72
C VAL A 46 14.72 -2.52 -3.18
N LYS A 47 15.61 -1.59 -3.55
N LYS A 47 15.60 -1.60 -3.54
CA LYS A 47 16.10 -1.55 -4.94
CA LYS A 47 16.10 -1.54 -4.91
C LYS A 47 16.88 -2.82 -5.31
C LYS A 47 16.86 -2.82 -5.31
N SER A 48 17.66 -3.35 -4.38
CA SER A 48 18.40 -4.56 -4.69
C SER A 48 17.44 -5.76 -4.79
N LEU A 49 16.45 -5.87 -3.90
CA LEU A 49 15.48 -6.97 -4.01
C LEU A 49 14.69 -6.87 -5.32
N ALA A 50 14.32 -5.67 -5.70
CA ALA A 50 13.54 -5.48 -6.91
C ALA A 50 14.36 -5.88 -8.11
N LEU A 51 15.65 -5.60 -8.08
CA LEU A 51 16.51 -5.97 -9.21
C LEU A 51 16.57 -7.51 -9.40
N GLN A 52 16.71 -8.26 -8.31
CA GLN A 52 16.75 -9.72 -8.41
C GLN A 52 15.39 -10.20 -8.90
N ILE A 53 14.31 -9.68 -8.30
CA ILE A 53 12.97 -10.12 -8.68
C ILE A 53 12.65 -9.82 -10.14
N SER A 54 13.01 -8.63 -10.57
CA SER A 54 12.79 -8.24 -11.97
C SER A 54 13.45 -9.19 -12.94
N GLU A 55 14.69 -9.55 -12.69
CA GLU A 55 15.40 -10.48 -13.57
C GLU A 55 14.75 -11.86 -13.54
N ASP A 56 14.39 -12.33 -12.36
CA ASP A 56 13.82 -13.68 -12.28
C ASP A 56 12.42 -13.77 -12.85
N TYR A 57 11.67 -12.66 -12.86
CA TYR A 57 10.28 -12.68 -13.35
C TYR A 57 9.98 -11.90 -14.63
N LYS A 58 11.01 -11.39 -15.30
CA LYS A 58 10.88 -10.57 -16.52
C LYS A 58 9.80 -11.02 -17.55
N LYS A 59 9.75 -12.31 -17.84
CA LYS A 59 8.81 -12.83 -18.84
C LYS A 59 7.66 -13.63 -18.23
N LEU A 60 7.55 -13.61 -16.91
CA LEU A 60 6.61 -14.47 -16.22
C LEU A 60 5.29 -13.82 -15.82
N ASN A 61 5.03 -12.58 -16.25
CA ASN A 61 3.77 -11.91 -15.98
C ASN A 61 3.33 -12.17 -14.53
N PRO A 62 4.20 -11.81 -13.58
CA PRO A 62 3.92 -12.13 -12.18
C PRO A 62 2.78 -11.36 -11.50
N ILE A 63 2.25 -11.98 -10.45
CA ILE A 63 1.23 -11.43 -9.60
C ILE A 63 1.87 -11.23 -8.24
N PHE A 64 1.84 -10.01 -7.72
CA PHE A 64 2.37 -9.71 -6.42
C PHE A 64 1.22 -9.56 -5.45
N ILE A 65 1.27 -10.37 -4.38
CA ILE A 65 0.24 -10.40 -3.35
C ILE A 65 0.76 -9.67 -2.12
N CYS A 66 0.08 -8.60 -1.76
CA CYS A 66 0.45 -7.80 -0.60
C CYS A 66 -0.26 -8.37 0.62
N VAL A 67 0.48 -8.68 1.67
CA VAL A 67 -0.12 -9.12 2.91
C VAL A 67 -0.38 -7.89 3.78
N LEU A 68 -1.63 -7.44 3.84
CA LEU A 68 -2.03 -6.27 4.65
C LEU A 68 -2.05 -6.65 6.13
N LYS A 69 -1.91 -5.70 7.04
CA LYS A 69 -1.69 -4.29 6.76
C LYS A 69 -0.18 -3.92 6.71
N GLY A 70 0.64 -4.66 7.44
CA GLY A 70 2.06 -4.37 7.54
C GLY A 70 2.92 -4.42 6.28
N GLY A 71 2.52 -5.21 5.29
CA GLY A 71 3.32 -5.28 4.09
C GLY A 71 3.17 -4.12 3.12
N VAL A 72 2.21 -3.24 3.36
CA VAL A 72 1.86 -2.25 2.35
C VAL A 72 2.94 -1.26 1.93
N TYR A 73 3.73 -0.75 2.87
CA TYR A 73 4.77 0.23 2.54
C TYR A 73 5.83 -0.44 1.69
N PHE A 74 6.28 -1.61 2.13
CA PHE A 74 7.28 -2.38 1.38
C PHE A 74 6.78 -2.74 -0.01
N PHE A 75 5.52 -3.16 -0.06
CA PHE A 75 4.90 -3.57 -1.31
C PHE A 75 4.89 -2.48 -2.36
N THR A 76 4.51 -1.27 -1.99
CA THR A 76 4.43 -0.20 -2.97
C THR A 76 5.82 0.21 -3.42
N ASP A 77 6.77 0.22 -2.49
CA ASP A 77 8.14 0.60 -2.80
C ASP A 77 8.80 -0.42 -3.70
N LEU A 78 8.60 -1.70 -3.41
CA LEU A 78 9.14 -2.76 -4.22
C LEU A 78 8.55 -2.83 -5.63
N THR A 79 7.22 -2.86 -5.75
CA THR A 79 6.57 -3.04 -7.05
C THR A 79 6.88 -1.90 -7.99
N ARG A 80 7.08 -0.71 -7.44
CA ARG A 80 7.47 0.48 -8.19
C ARG A 80 8.80 0.39 -8.90
N GLU A 81 9.71 -0.35 -8.29
CA GLU A 81 11.06 -0.52 -8.80
C GLU A 81 11.17 -1.66 -9.81
N ILE A 82 10.08 -2.40 -10.04
CA ILE A 82 10.04 -3.45 -11.05
C ILE A 82 9.66 -2.66 -12.32
N PRO A 83 10.58 -2.53 -13.28
CA PRO A 83 10.36 -1.70 -14.47
C PRO A 83 9.46 -2.27 -15.57
N PHE A 84 8.47 -3.08 -15.23
CA PHE A 84 7.50 -3.58 -16.21
C PHE A 84 6.23 -3.79 -15.42
N SER A 85 5.11 -3.80 -16.11
CA SER A 85 3.84 -3.96 -15.46
C SER A 85 3.73 -5.26 -14.70
N VAL A 86 3.21 -5.18 -13.48
CA VAL A 86 2.94 -6.39 -12.70
C VAL A 86 1.50 -6.28 -12.22
N GLU A 87 0.91 -7.40 -11.86
CA GLU A 87 -0.44 -7.39 -11.36
C GLU A 87 -0.35 -7.39 -9.84
N ILE A 88 -1.19 -6.62 -9.17
CA ILE A 88 -1.16 -6.56 -7.73
C ILE A 88 -2.47 -7.03 -7.15
N ASN A 89 -2.41 -7.60 -5.95
CA ASN A 89 -3.62 -8.08 -5.28
C ASN A 89 -3.31 -8.04 -3.81
N PHE A 90 -4.35 -8.08 -3.01
CA PHE A 90 -4.22 -7.91 -1.59
C PHE A 90 -4.97 -8.95 -0.78
N VAL A 91 -4.36 -9.41 0.31
CA VAL A 91 -5.02 -10.30 1.27
C VAL A 91 -4.79 -9.76 2.68
N GLN A 92 -5.71 -10.06 3.58
CA GLN A 92 -5.58 -9.66 4.97
C GLN A 92 -6.27 -10.69 5.88
N ALA A 93 -5.59 -11.02 6.97
CA ALA A 93 -6.03 -11.91 8.05
C ALA A 93 -6.22 -11.09 9.34
N ARG A 94 -7.20 -11.43 10.18
CA ARG A 94 -7.40 -10.70 11.45
C ARG A 94 -6.29 -11.13 12.40
N LYS A 104 -7.78 -20.47 15.22
CA LYS A 104 -8.64 -19.68 14.35
C LYS A 104 -7.94 -18.60 13.50
N ILE A 105 -8.34 -18.50 12.24
CA ILE A 105 -7.82 -17.49 11.30
C ILE A 105 -9.00 -16.87 10.57
N GLU A 106 -9.08 -15.56 10.59
CA GLU A 106 -10.15 -14.86 9.92
C GLU A 106 -9.60 -14.11 8.74
N LEU A 107 -9.99 -14.49 7.52
CA LEU A 107 -9.56 -13.76 6.32
C LEU A 107 -10.52 -12.62 6.12
N LEU A 108 -10.07 -11.42 6.39
CA LEU A 108 -10.90 -10.24 6.17
C LEU A 108 -10.90 -9.99 4.65
N LYS A 109 -9.85 -10.42 3.97
CA LYS A 109 -9.79 -10.27 2.52
C LYS A 109 -9.02 -11.41 1.88
N ASP A 110 -9.67 -12.10 0.95
CA ASP A 110 -9.05 -13.19 0.21
C ASP A 110 -8.63 -12.70 -1.16
N ILE A 111 -7.91 -13.58 -1.87
CA ILE A 111 -7.45 -13.33 -3.24
C ILE A 111 -8.70 -13.22 -4.12
N ASP A 112 -8.78 -12.16 -4.93
CA ASP A 112 -9.94 -11.95 -5.81
C ASP A 112 -9.67 -12.28 -7.30
N ILE A 113 -8.63 -13.08 -7.57
CA ILE A 113 -8.23 -13.41 -8.93
C ILE A 113 -7.89 -14.90 -9.13
N ASP A 114 -7.98 -15.36 -10.38
CA ASP A 114 -7.60 -16.72 -10.74
C ASP A 114 -6.06 -16.82 -10.75
N LEU A 115 -5.51 -17.71 -9.93
CA LEU A 115 -4.08 -17.89 -9.82
C LEU A 115 -3.52 -19.11 -10.58
N SER A 116 -4.40 -19.88 -11.21
N SER A 116 -4.39 -19.88 -11.20
CA SER A 116 -3.98 -21.07 -11.97
CA SER A 116 -3.97 -21.07 -11.94
C SER A 116 -2.98 -20.74 -13.06
C SER A 116 -2.98 -20.74 -13.05
N ASP A 117 -1.86 -21.46 -13.06
CA ASP A 117 -0.81 -21.27 -14.05
C ASP A 117 -0.20 -19.88 -14.02
N ARG A 118 -0.30 -19.17 -12.89
CA ARG A 118 0.30 -17.84 -12.77
C ARG A 118 1.49 -17.93 -11.84
N HIS A 119 2.49 -17.08 -12.08
CA HIS A 119 3.68 -17.04 -11.23
C HIS A 119 3.37 -16.04 -10.13
N VAL A 120 3.30 -16.55 -8.90
CA VAL A 120 2.88 -15.75 -7.75
C VAL A 120 3.97 -15.43 -6.76
N ILE A 121 3.97 -14.20 -6.26
CA ILE A 121 4.94 -13.75 -5.28
C ILE A 121 4.21 -13.14 -4.10
N ILE A 122 4.43 -13.68 -2.91
CA ILE A 122 3.80 -13.17 -1.69
C ILE A 122 4.78 -12.17 -1.09
N VAL A 123 4.27 -10.97 -0.77
CA VAL A 123 5.09 -9.91 -0.22
C VAL A 123 4.74 -9.59 1.22
N GLU A 124 5.76 -9.68 2.08
CA GLU A 124 5.65 -9.49 3.51
C GLU A 124 6.69 -8.46 3.99
N ASP A 125 6.34 -7.71 5.02
CA ASP A 125 7.26 -6.80 5.65
C ASP A 125 8.16 -7.58 6.57
N ILE A 126 7.58 -8.50 7.31
CA ILE A 126 8.33 -9.32 8.21
C ILE A 126 7.74 -10.71 8.32
N LEU A 127 8.62 -11.67 8.56
CA LEU A 127 8.25 -13.03 8.88
C LEU A 127 8.92 -13.42 10.20
N ASP A 128 8.08 -13.95 11.10
CA ASP A 128 8.55 -14.44 12.39
C ASP A 128 8.09 -15.91 12.49
N THR A 129 6.92 -16.16 13.07
CA THR A 129 6.41 -17.51 13.24
C THR A 129 5.95 -18.12 11.90
N GLY A 130 5.41 -17.27 11.03
CA GLY A 130 4.94 -17.72 9.73
C GLY A 130 3.62 -18.48 9.76
N PHE A 131 2.84 -18.37 10.84
CA PHE A 131 1.56 -19.11 10.95
C PHE A 131 0.50 -18.69 9.94
N THR A 132 0.28 -17.39 9.81
CA THR A 132 -0.67 -16.90 8.81
C THR A 132 -0.09 -17.21 7.43
N LEU A 133 1.20 -16.94 7.28
CA LEU A 133 1.87 -17.18 5.99
C LEU A 133 1.70 -18.64 5.55
N GLN A 134 1.83 -19.60 6.46
CA GLN A 134 1.73 -21.03 6.08
C GLN A 134 0.32 -21.35 5.57
N TYR A 135 -0.69 -20.72 6.19
CA TYR A 135 -2.04 -20.90 5.70
C TYR A 135 -2.16 -20.33 4.27
N LEU A 136 -1.59 -19.14 4.04
CA LEU A 136 -1.68 -18.51 2.72
C LEU A 136 -1.01 -19.37 1.67
N VAL A 137 0.21 -19.80 1.97
CA VAL A 137 0.97 -20.65 1.06
C VAL A 137 0.18 -21.88 0.67
N ARG A 138 -0.29 -22.60 1.67
CA ARG A 138 -1.06 -23.80 1.41
C ARG A 138 -2.35 -23.49 0.63
N HIS A 139 -2.98 -22.38 0.96
CA HIS A 139 -4.22 -21.98 0.29
C HIS A 139 -3.97 -21.67 -1.18
N ILE A 140 -2.90 -20.92 -1.44
CA ILE A 140 -2.53 -20.56 -2.80
C ILE A 140 -2.12 -21.79 -3.63
N PHE A 141 -1.46 -22.77 -3.02
CA PHE A 141 -1.08 -23.96 -3.78
C PHE A 141 -2.27 -24.80 -4.27
N THR A 142 -3.41 -24.72 -3.59
CA THR A 142 -4.62 -25.46 -4.02
C THR A 142 -5.18 -24.86 -5.31
N ARG A 143 -4.80 -23.62 -5.60
CA ARG A 143 -5.25 -22.92 -6.80
C ARG A 143 -4.37 -23.19 -8.01
N ASN A 144 -3.39 -24.09 -7.86
CA ASN A 144 -2.49 -24.49 -8.93
C ASN A 144 -1.74 -23.38 -9.67
N PRO A 145 -0.90 -22.60 -8.94
CA PRO A 145 -0.13 -21.59 -9.63
C PRO A 145 1.05 -22.27 -10.34
N ALA A 146 1.63 -21.61 -11.33
CA ALA A 146 2.79 -22.16 -12.01
C ALA A 146 3.96 -22.17 -11.02
N SER A 147 4.01 -21.18 -10.13
CA SER A 147 5.05 -21.14 -9.09
C SER A 147 4.63 -20.18 -7.99
N LEU A 148 5.28 -20.30 -6.86
CA LEU A 148 5.01 -19.46 -5.73
C LEU A 148 6.31 -19.22 -4.98
N GLU A 149 6.61 -17.96 -4.72
CA GLU A 149 7.79 -17.61 -3.93
C GLU A 149 7.38 -16.49 -2.98
N ILE A 150 8.23 -16.24 -2.00
CA ILE A 150 7.97 -15.22 -1.01
C ILE A 150 9.13 -14.26 -0.94
N VAL A 151 8.81 -12.97 -0.79
CA VAL A 151 9.79 -11.95 -0.57
C VAL A 151 9.44 -11.30 0.76
N THR A 152 10.40 -11.21 1.68
CA THR A 152 10.15 -10.55 2.95
C THR A 152 11.26 -9.53 3.21
N LEU A 153 10.90 -8.34 3.65
CA LEU A 153 11.92 -7.33 3.94
C LEU A 153 12.79 -7.77 5.12
N LEU A 154 12.14 -8.32 6.14
CA LEU A 154 12.80 -8.78 7.36
C LEU A 154 12.46 -10.24 7.65
N LEU A 155 13.42 -10.98 8.15
CA LEU A 155 13.24 -12.36 8.53
C LEU A 155 13.92 -12.55 9.89
N LYS A 156 13.11 -12.88 10.89
CA LYS A 156 13.57 -13.06 12.24
C LYS A 156 14.23 -14.41 12.30
N GLU A 157 15.41 -14.43 12.90
CA GLU A 157 16.26 -15.63 12.95
C GLU A 157 15.58 -16.86 13.52
N GLU A 163 9.72 -23.60 7.51
CA GLU A 163 9.39 -24.83 6.78
C GLU A 163 9.47 -24.65 5.26
N PHE A 164 8.69 -23.72 4.70
CA PHE A 164 8.73 -23.42 3.25
C PHE A 164 9.83 -22.38 3.05
N PRO A 165 10.63 -22.51 1.96
CA PRO A 165 11.73 -21.55 1.79
C PRO A 165 11.29 -20.15 1.41
N VAL A 166 12.04 -19.16 1.91
CA VAL A 166 11.82 -17.79 1.57
C VAL A 166 12.95 -17.42 0.63
N LYS A 167 12.62 -17.25 -0.66
CA LYS A 167 13.63 -16.98 -1.68
C LYS A 167 14.26 -15.57 -1.68
N TYR A 168 13.50 -14.53 -1.31
CA TYR A 168 14.05 -13.18 -1.35
C TYR A 168 13.96 -12.58 0.04
N ILE A 169 15.10 -12.22 0.60
CA ILE A 169 15.17 -11.72 1.98
C ILE A 169 15.94 -10.43 2.06
N GLY A 170 15.35 -9.43 2.69
CA GLY A 170 16.00 -8.15 2.85
C GLY A 170 17.10 -8.29 3.90
N TRP A 171 16.69 -8.26 5.17
CA TRP A 171 17.62 -8.44 6.25
C TRP A 171 17.16 -9.54 7.20
N ARG A 172 18.12 -10.36 7.62
CA ARG A 172 17.89 -11.31 8.71
C ARG A 172 18.13 -10.49 9.98
N ILE A 173 17.25 -10.61 10.94
CA ILE A 173 17.39 -9.83 12.16
C ILE A 173 17.28 -10.68 13.41
N PRO A 174 17.92 -10.24 14.50
CA PRO A 174 17.82 -10.99 15.74
C PRO A 174 16.46 -10.74 16.35
N ASP A 175 16.14 -11.41 17.44
CA ASP A 175 14.84 -11.29 18.08
C ASP A 175 14.75 -9.96 18.78
N GLU A 176 14.18 -8.97 18.08
CA GLU A 176 14.07 -7.65 18.62
C GLU A 176 12.73 -7.10 18.19
N PHE A 177 12.28 -6.09 18.90
CA PHE A 177 11.00 -5.46 18.67
C PHE A 177 11.18 -4.25 17.72
N LEU A 178 10.76 -4.39 16.47
CA LEU A 178 10.94 -3.34 15.49
C LEU A 178 9.62 -2.66 15.14
N VAL A 179 9.67 -1.37 14.86
CA VAL A 179 8.49 -0.64 14.50
C VAL A 179 8.80 0.27 13.35
N GLY A 180 7.75 0.69 12.65
CA GLY A 180 7.85 1.58 11.54
C GLY A 180 7.79 0.84 10.23
N TYR A 181 7.57 1.59 9.16
CA TYR A 181 7.49 1.05 7.82
C TYR A 181 6.56 -0.15 7.74
N GLY A 182 5.40 0.00 8.38
CA GLY A 182 4.34 -1.03 8.35
C GLY A 182 4.25 -1.84 9.64
N LEU A 183 5.31 -1.88 10.43
CA LEU A 183 5.31 -2.61 11.70
C LEU A 183 4.80 -1.72 12.81
N ASP A 184 3.89 -2.26 13.61
CA ASP A 184 3.31 -1.51 14.70
C ASP A 184 3.55 -2.13 16.05
N PHE A 185 3.30 -1.34 17.08
CA PHE A 185 3.30 -1.81 18.46
C PHE A 185 1.95 -1.37 18.98
N ASP A 186 1.05 -2.32 19.16
CA ASP A 186 -0.32 -2.07 19.59
C ASP A 186 -0.96 -0.98 18.72
N GLY A 187 -0.78 -1.11 17.41
CA GLY A 187 -1.34 -0.13 16.44
C GLY A 187 -0.56 1.17 16.24
N ARG A 188 0.47 1.39 17.04
CA ARG A 188 1.24 2.63 17.02
C ARG A 188 2.47 2.49 16.11
N TYR A 189 2.95 3.62 15.58
CA TYR A 189 4.17 3.73 14.76
C TYR A 189 4.15 3.11 13.40
N ARG A 190 3.01 2.63 12.97
CA ARG A 190 2.95 1.92 11.71
C ARG A 190 3.41 2.69 10.48
N ASN A 191 3.15 4.00 10.48
CA ASN A 191 3.49 4.82 9.34
C ASN A 191 4.83 5.51 9.43
N LEU A 192 5.71 5.16 10.36
CA LEU A 192 7.02 5.83 10.34
C LEU A 192 7.69 5.45 9.02
N PRO A 193 8.41 6.39 8.43
CA PRO A 193 9.07 6.12 7.14
C PRO A 193 10.33 5.26 7.24
N ASP A 194 10.85 5.12 8.44
CA ASP A 194 12.00 4.30 8.73
C ASP A 194 11.68 3.28 9.83
N ILE A 195 12.63 2.38 10.09
CA ILE A 195 12.46 1.33 11.06
C ILE A 195 13.34 1.55 12.28
N HIS A 196 12.75 1.36 13.44
CA HIS A 196 13.39 1.59 14.71
C HIS A 196 13.27 0.41 15.63
N VAL A 197 14.15 0.40 16.61
CA VAL A 197 14.09 -0.60 17.67
C VAL A 197 13.27 0.05 18.77
N LEU A 198 12.36 -0.69 19.35
CA LEU A 198 11.50 -0.18 20.41
C LEU A 198 11.80 -0.80 21.77
N GLU A 199 11.98 0.06 22.78
CA GLU A 199 12.04 -0.38 24.18
C GLU A 199 10.63 0.05 24.71
N PRO A 200 9.68 -0.90 24.88
CA PRO A 200 8.31 -0.54 25.33
C PRO A 200 8.21 0.12 26.73
N SER B 30 -0.14 0.14 -30.84
CA SER B 30 0.94 0.33 -29.81
C SER B 30 0.64 1.52 -28.87
N ASP B 31 0.64 1.28 -27.55
CA ASP B 31 0.37 2.36 -26.56
C ASP B 31 1.49 3.39 -26.53
N ILE B 32 1.15 4.66 -26.33
CA ILE B 32 2.15 5.72 -26.26
C ILE B 32 1.97 6.39 -24.94
N LEU B 33 3.05 6.48 -24.18
CA LEU B 33 3.04 7.14 -22.89
C LEU B 33 3.79 8.43 -23.00
N HIS B 34 3.21 9.50 -22.46
CA HIS B 34 3.83 10.82 -22.49
C HIS B 34 4.03 11.21 -21.02
N PRO B 35 5.06 11.99 -20.72
CA PRO B 35 5.30 12.42 -19.33
C PRO B 35 4.19 13.29 -18.82
N ARG B 36 3.95 13.25 -17.52
CA ARG B 36 2.92 14.13 -16.95
C ARG B 36 3.35 14.58 -15.59
N PHE B 37 3.44 13.65 -14.64
CA PHE B 37 3.92 13.97 -13.29
C PHE B 37 5.08 13.02 -12.96
N SER B 38 6.26 13.59 -12.74
CA SER B 38 7.43 12.77 -12.44
C SER B 38 7.38 12.32 -10.98
N ARG B 39 8.22 11.36 -10.62
CA ARG B 39 8.31 10.89 -9.25
C ARG B 39 8.54 12.08 -8.32
N GLU B 40 9.37 13.02 -8.76
CA GLU B 40 9.70 14.18 -7.94
C GLU B 40 8.49 15.11 -7.82
N ASP B 41 7.74 15.31 -8.89
CA ASP B 41 6.56 16.15 -8.82
C ASP B 41 5.60 15.55 -7.81
N ILE B 42 5.43 14.24 -7.89
CA ILE B 42 4.50 13.52 -6.99
C ILE B 42 4.98 13.59 -5.54
N SER B 43 6.26 13.36 -5.36
CA SER B 43 6.85 13.42 -4.04
C SER B 43 6.66 14.82 -3.40
N GLN B 44 6.86 15.86 -4.19
CA GLN B 44 6.66 17.21 -3.64
C GLN B 44 5.20 17.50 -3.32
N LYS B 45 4.31 17.03 -4.19
CA LYS B 45 2.92 17.25 -3.96
C LYS B 45 2.44 16.46 -2.73
N VAL B 46 2.85 15.21 -2.61
CA VAL B 46 2.50 14.38 -1.47
C VAL B 46 3.01 15.02 -0.17
N LYS B 47 4.21 15.56 -0.20
CA LYS B 47 4.75 16.22 0.98
C LYS B 47 3.89 17.41 1.38
N SER B 48 3.47 18.18 0.40
CA SER B 48 2.67 19.33 0.65
C SER B 48 1.31 18.95 1.24
N LEU B 49 0.64 17.96 0.65
CA LEU B 49 -0.64 17.50 1.17
C LEU B 49 -0.52 16.94 2.57
N ALA B 50 0.57 16.20 2.83
CA ALA B 50 0.78 15.65 4.15
C ALA B 50 0.96 16.73 5.15
N LEU B 51 1.60 17.83 4.78
CA LEU B 51 1.77 18.92 5.73
C LEU B 51 0.42 19.56 6.08
N GLN B 52 -0.42 19.81 5.09
N GLN B 52 -0.39 19.80 5.06
CA GLN B 52 -1.74 20.42 5.38
CA GLN B 52 -1.75 20.37 5.24
C GLN B 52 -2.51 19.49 6.28
C GLN B 52 -2.61 19.50 6.15
N ILE B 53 -2.49 18.19 5.94
CA ILE B 53 -3.22 17.22 6.73
C ILE B 53 -2.71 17.11 8.15
N SER B 54 -1.39 16.99 8.29
N SER B 54 -1.39 16.98 8.31
CA SER B 54 -0.78 16.87 9.60
CA SER B 54 -0.84 16.84 9.65
C SER B 54 -1.15 18.01 10.50
C SER B 54 -1.17 18.02 10.51
N GLU B 55 -1.11 19.23 9.97
CA GLU B 55 -1.38 20.41 10.75
C GLU B 55 -2.84 20.57 11.12
N ASP B 56 -3.74 20.02 10.31
CA ASP B 56 -5.19 19.98 10.66
C ASP B 56 -5.57 18.84 11.60
N TYR B 57 -4.83 17.73 11.57
CA TYR B 57 -5.18 16.54 12.39
C TYR B 57 -4.25 16.17 13.52
N LYS B 58 -3.28 17.03 13.77
CA LYS B 58 -2.24 16.82 14.80
C LYS B 58 -2.74 16.21 16.11
N LYS B 59 -3.87 16.69 16.62
CA LYS B 59 -4.37 16.21 17.92
C LYS B 59 -5.59 15.32 17.81
N LEU B 60 -5.95 14.94 16.59
CA LEU B 60 -7.20 14.25 16.36
C LEU B 60 -7.10 12.73 16.18
N ASN B 61 -5.92 12.15 16.42
CA ASN B 61 -5.75 10.69 16.33
C ASN B 61 -6.50 10.10 15.11
N PRO B 62 -6.18 10.59 13.92
CA PRO B 62 -6.92 10.20 12.72
C PRO B 62 -6.72 8.78 12.21
N ILE B 63 -7.74 8.31 11.48
CA ILE B 63 -7.74 7.02 10.80
C ILE B 63 -7.72 7.31 9.30
N PHE B 64 -6.74 6.75 8.60
CA PHE B 64 -6.63 6.92 7.18
C PHE B 64 -7.13 5.66 6.49
N ILE B 65 -8.11 5.82 5.59
CA ILE B 65 -8.71 4.71 4.84
C ILE B 65 -8.17 4.72 3.43
N CYS B 66 -7.52 3.61 3.05
CA CYS B 66 -6.96 3.44 1.72
C CYS B 66 -7.98 2.79 0.83
N VAL B 67 -8.25 3.40 -0.32
CA VAL B 67 -9.17 2.79 -1.29
C VAL B 67 -8.38 1.92 -2.28
N LEU B 68 -8.40 0.61 -2.11
CA LEU B 68 -7.67 -0.32 -3.00
C LEU B 68 -8.38 -0.45 -4.36
N LYS B 69 -7.66 -0.83 -5.41
CA LYS B 69 -6.21 -1.11 -5.41
C LYS B 69 -5.36 0.13 -5.80
N GLY B 70 -5.94 1.03 -6.58
CA GLY B 70 -5.26 2.22 -7.03
C GLY B 70 -4.75 3.25 -6.05
N GLY B 71 -5.37 3.36 -4.88
CA GLY B 71 -4.90 4.38 -3.94
C GLY B 71 -3.66 3.99 -3.16
N VAL B 72 -3.25 2.73 -3.26
CA VAL B 72 -2.20 2.22 -2.40
C VAL B 72 -0.84 2.91 -2.44
N TYR B 73 -0.35 3.27 -3.62
CA TYR B 73 0.93 3.97 -3.73
C TYR B 73 0.85 5.33 -3.07
N PHE B 74 -0.17 6.11 -3.43
CA PHE B 74 -0.38 7.42 -2.81
C PHE B 74 -0.50 7.30 -1.30
N PHE B 75 -1.25 6.31 -0.86
CA PHE B 75 -1.52 6.12 0.56
C PHE B 75 -0.26 5.91 1.37
N THR B 76 0.65 5.08 0.88
CA THR B 76 1.84 4.78 1.64
C THR B 76 2.77 5.98 1.66
N ASP B 77 2.84 6.66 0.53
CA ASP B 77 3.69 7.85 0.44
C ASP B 77 3.16 8.94 1.34
N LEU B 78 1.85 9.15 1.35
CA LEU B 78 1.23 10.19 2.17
C LEU B 78 1.31 9.92 3.66
N THR B 79 0.89 8.74 4.08
CA THR B 79 0.89 8.43 5.52
C THR B 79 2.29 8.47 6.16
N ARG B 80 3.30 8.15 5.37
CA ARG B 80 4.70 8.21 5.77
C ARG B 80 5.20 9.59 6.12
N GLU B 81 4.64 10.57 5.46
CA GLU B 81 4.99 11.97 5.68
C GLU B 81 4.20 12.65 6.80
N ILE B 82 3.25 11.94 7.42
CA ILE B 82 2.53 12.47 8.58
C ILE B 82 3.46 12.09 9.76
N PRO B 83 4.10 13.06 10.45
CA PRO B 83 5.07 12.80 11.51
C PRO B 83 4.52 12.40 12.88
N PHE B 84 3.42 11.66 12.92
CA PHE B 84 2.90 11.10 14.18
C PHE B 84 2.12 9.86 13.76
N SER B 85 1.92 8.92 14.69
CA SER B 85 1.23 7.66 14.41
C SER B 85 -0.18 7.89 13.94
N VAL B 86 -0.56 7.16 12.91
CA VAL B 86 -1.94 7.23 12.44
C VAL B 86 -2.40 5.79 12.32
N GLU B 87 -3.71 5.57 12.34
CA GLU B 87 -4.23 4.20 12.14
C GLU B 87 -4.54 4.10 10.66
N ILE B 88 -4.34 2.92 10.09
CA ILE B 88 -4.62 2.72 8.68
C ILE B 88 -5.63 1.61 8.49
N ASN B 89 -6.43 1.70 7.45
CA ASN B 89 -7.41 0.65 7.20
C ASN B 89 -7.62 0.62 5.72
N PHE B 90 -8.13 -0.49 5.22
CA PHE B 90 -8.28 -0.69 3.79
C PHE B 90 -9.66 -1.14 3.36
N VAL B 91 -10.17 -0.56 2.27
CA VAL B 91 -11.42 -0.96 1.69
C VAL B 91 -11.22 -1.19 0.20
N GLN B 92 -12.05 -2.03 -0.38
CA GLN B 92 -12.04 -2.26 -1.83
C GLN B 92 -13.48 -2.53 -2.29
N ALA B 93 -13.88 -1.96 -3.42
CA ALA B 93 -15.23 -2.18 -4.01
C ALA B 93 -15.32 -3.49 -4.79
N ILE B 105 -23.00 -1.23 -6.89
CA ILE B 105 -21.69 -1.15 -6.24
C ILE B 105 -21.71 -1.87 -4.89
N GLU B 106 -20.78 -2.80 -4.70
CA GLU B 106 -20.65 -3.51 -3.43
C GLU B 106 -19.21 -3.53 -2.91
N LEU B 107 -19.10 -3.73 -1.61
CA LEU B 107 -17.80 -3.78 -0.95
C LEU B 107 -17.21 -5.18 -0.90
N LEU B 108 -16.06 -5.37 -1.53
CA LEU B 108 -15.35 -6.63 -1.47
C LEU B 108 -14.63 -6.71 -0.12
N LYS B 109 -14.10 -5.58 0.35
CA LYS B 109 -13.40 -5.48 1.64
C LYS B 109 -13.96 -4.24 2.33
N ASP B 110 -14.56 -4.46 3.50
CA ASP B 110 -15.15 -3.40 4.28
C ASP B 110 -14.20 -3.00 5.40
N ILE B 111 -14.57 -1.91 6.04
CA ILE B 111 -13.84 -1.37 7.18
C ILE B 111 -13.90 -2.42 8.28
N ASP B 112 -12.75 -2.75 8.87
CA ASP B 112 -12.69 -3.76 9.94
C ASP B 112 -12.50 -3.16 11.36
N ILE B 113 -12.76 -1.88 11.53
CA ILE B 113 -12.59 -1.24 12.86
C ILE B 113 -13.75 -0.30 13.21
N ASP B 114 -13.85 -0.01 14.51
CA ASP B 114 -14.90 0.87 15.03
C ASP B 114 -14.53 2.33 14.70
N LEU B 115 -15.39 3.01 13.94
CA LEU B 115 -15.14 4.40 13.52
C LEU B 115 -15.88 5.45 14.34
N SER B 116 -16.71 5.01 15.27
CA SER B 116 -17.52 5.89 16.08
C SER B 116 -16.65 6.88 16.85
N ASP B 117 -16.98 8.16 16.70
CA ASP B 117 -16.24 9.25 17.35
C ASP B 117 -14.76 9.33 16.94
N ARG B 118 -14.42 8.82 15.75
CA ARG B 118 -13.05 8.92 15.25
C ARG B 118 -13.01 9.90 14.09
N HIS B 119 -11.89 10.58 13.94
CA HIS B 119 -11.71 11.51 12.82
C HIS B 119 -11.17 10.69 11.66
N VAL B 120 -11.97 10.59 10.60
CA VAL B 120 -11.63 9.74 9.44
C VAL B 120 -11.26 10.51 8.17
N ILE B 121 -10.25 10.01 7.47
CA ILE B 121 -9.82 10.57 6.22
C ILE B 121 -9.78 9.48 5.15
N ILE B 122 -10.50 9.69 4.06
CA ILE B 122 -10.51 8.74 2.94
C ILE B 122 -9.45 9.18 1.96
N VAL B 123 -8.58 8.24 1.58
CA VAL B 123 -7.52 8.53 0.65
C VAL B 123 -7.76 7.87 -0.71
N GLU B 124 -7.75 8.68 -1.75
CA GLU B 124 -7.96 8.28 -3.14
C GLU B 124 -6.83 8.76 -4.04
N ASP B 125 -6.52 7.97 -5.06
CA ASP B 125 -5.51 8.36 -6.04
C ASP B 125 -6.14 9.35 -6.98
N ILE B 126 -7.35 9.06 -7.38
CA ILE B 126 -8.07 9.92 -8.30
C ILE B 126 -9.57 9.86 -8.03
N LEU B 127 -10.22 10.99 -8.31
CA LEU B 127 -11.67 11.14 -8.27
C LEU B 127 -12.15 11.67 -9.61
N ASP B 128 -13.12 10.96 -10.18
CA ASP B 128 -13.72 11.31 -11.44
C ASP B 128 -15.24 11.42 -11.23
N THR B 129 -15.97 10.32 -11.41
CA THR B 129 -17.43 10.34 -11.21
C THR B 129 -17.82 10.42 -9.73
N GLY B 130 -16.99 9.83 -8.87
CA GLY B 130 -17.24 9.81 -7.44
C GLY B 130 -18.34 8.85 -6.99
N PHE B 131 -18.74 7.90 -7.86
CA PHE B 131 -19.80 6.95 -7.53
C PHE B 131 -19.37 6.00 -6.42
N THR B 132 -18.19 5.41 -6.55
CA THR B 132 -17.69 4.50 -5.53
C THR B 132 -17.47 5.28 -4.24
N LEU B 133 -16.91 6.46 -4.38
CA LEU B 133 -16.64 7.30 -3.24
C LEU B 133 -17.90 7.69 -2.51
N GLN B 134 -18.97 8.05 -3.21
CA GLN B 134 -20.19 8.45 -2.52
C GLN B 134 -20.72 7.29 -1.71
N TYR B 135 -20.57 6.08 -2.23
CA TYR B 135 -21.02 4.89 -1.49
C TYR B 135 -20.20 4.78 -0.19
N LEU B 136 -18.89 4.98 -0.27
CA LEU B 136 -18.04 4.88 0.92
C LEU B 136 -18.41 5.94 1.94
N VAL B 137 -18.50 7.18 1.47
CA VAL B 137 -18.86 8.31 2.33
C VAL B 137 -20.14 8.03 3.09
N ARG B 138 -21.19 7.68 2.36
CA ARG B 138 -22.48 7.38 3.00
C ARG B 138 -22.37 6.21 3.98
N HIS B 139 -21.62 5.19 3.57
CA HIS B 139 -21.45 4.00 4.42
C HIS B 139 -20.70 4.35 5.73
N ILE B 140 -19.65 5.16 5.62
CA ILE B 140 -18.88 5.59 6.79
C ILE B 140 -19.66 6.49 7.73
N PHE B 141 -20.52 7.36 7.17
CA PHE B 141 -21.33 8.24 8.03
C PHE B 141 -22.30 7.48 8.92
N THR B 142 -22.73 6.28 8.50
CA THR B 142 -23.67 5.49 9.33
C THR B 142 -22.97 4.97 10.59
N ARG B 143 -21.63 4.94 10.56
CA ARG B 143 -20.83 4.49 11.70
C ARG B 143 -20.51 5.61 12.70
N ASN B 144 -21.10 6.78 12.48
CA ASN B 144 -20.96 7.92 13.38
C ASN B 144 -19.53 8.35 13.73
N PRO B 145 -18.74 8.75 12.71
CA PRO B 145 -17.41 9.26 13.00
C PRO B 145 -17.53 10.68 13.52
N ALA B 146 -16.50 11.16 14.22
CA ALA B 146 -16.53 12.54 14.70
C ALA B 146 -16.49 13.44 13.47
N SER B 147 -15.78 13.00 12.42
CA SER B 147 -15.69 13.80 11.18
C SER B 147 -15.20 12.92 10.05
N LEU B 148 -15.34 13.41 8.85
CA LEU B 148 -14.91 12.70 7.65
C LEU B 148 -14.49 13.68 6.57
N GLU B 149 -13.28 13.48 6.02
CA GLU B 149 -12.79 14.33 4.95
C GLU B 149 -12.11 13.43 3.98
N ILE B 150 -11.84 13.98 2.80
CA ILE B 150 -11.25 13.22 1.73
C ILE B 150 -10.02 13.93 1.22
N VAL B 151 -9.01 13.14 0.89
CA VAL B 151 -7.82 13.65 0.21
C VAL B 151 -7.69 12.87 -1.10
N THR B 152 -7.54 13.57 -2.21
CA THR B 152 -7.31 12.89 -3.50
C THR B 152 -6.11 13.49 -4.17
N LEU B 153 -5.22 12.65 -4.71
CA LEU B 153 -4.05 13.17 -5.43
C LEU B 153 -4.47 13.94 -6.67
N LEU B 154 -5.47 13.39 -7.39
CA LEU B 154 -5.96 13.95 -8.65
C LEU B 154 -7.48 14.12 -8.61
N LEU B 155 -7.96 15.21 -9.18
CA LEU B 155 -9.38 15.50 -9.24
C LEU B 155 -9.66 15.94 -10.65
N LYS B 156 -10.47 15.15 -11.35
CA LYS B 156 -10.83 15.39 -12.73
C LYS B 156 -11.91 16.47 -12.74
N GLU B 157 -11.79 17.38 -13.71
CA GLU B 157 -12.70 18.51 -13.90
C GLU B 157 -13.86 18.14 -14.79
N PHE B 164 -20.29 15.99 -2.28
CA PHE B 164 -19.57 16.18 -1.00
C PHE B 164 -18.22 16.88 -1.27
N PRO B 165 -17.83 17.84 -0.40
CA PRO B 165 -16.56 18.54 -0.65
C PRO B 165 -15.31 17.69 -0.47
N VAL B 166 -14.30 17.95 -1.31
CA VAL B 166 -13.00 17.29 -1.23
C VAL B 166 -12.05 18.31 -0.65
N LYS B 167 -11.67 18.12 0.61
CA LYS B 167 -10.87 19.11 1.31
C LYS B 167 -9.39 19.20 0.92
N TYR B 168 -8.79 18.09 0.52
CA TYR B 168 -7.36 18.12 0.16
C TYR B 168 -7.22 17.59 -1.26
N ILE B 169 -6.65 18.41 -2.13
CA ILE B 169 -6.52 18.07 -3.55
C ILE B 169 -5.12 18.31 -4.04
N GLY B 170 -4.57 17.30 -4.71
CA GLY B 170 -3.23 17.40 -5.23
C GLY B 170 -3.26 18.28 -6.47
N TRP B 171 -3.73 17.71 -7.57
CA TRP B 171 -3.86 18.45 -8.81
C TRP B 171 -5.25 18.30 -9.40
N ARG B 172 -5.80 19.40 -9.91
CA ARG B 172 -7.02 19.38 -10.69
C ARG B 172 -6.54 19.13 -12.14
N ILE B 173 -7.15 18.16 -12.82
CA ILE B 173 -6.69 17.81 -14.15
C ILE B 173 -7.83 17.79 -15.15
N PRO B 174 -7.52 18.04 -16.43
CA PRO B 174 -8.57 17.97 -17.43
C PRO B 174 -8.92 16.50 -17.71
N ASP B 175 -9.89 16.25 -18.56
CA ASP B 175 -10.32 14.88 -18.86
C ASP B 175 -9.29 14.18 -19.76
N GLU B 176 -8.36 13.47 -19.15
CA GLU B 176 -7.33 12.80 -19.88
C GLU B 176 -7.10 11.42 -19.26
N PHE B 177 -6.51 10.50 -20.03
CA PHE B 177 -6.29 9.13 -19.62
C PHE B 177 -4.90 9.04 -18.96
N LEU B 178 -4.86 8.91 -17.63
CA LEU B 178 -3.61 8.84 -16.91
C LEU B 178 -3.31 7.45 -16.41
N VAL B 179 -2.04 7.08 -16.41
CA VAL B 179 -1.63 5.77 -15.90
C VAL B 179 -0.40 5.91 -15.06
N GLY B 180 -0.20 4.92 -14.19
CA GLY B 180 0.94 4.92 -13.31
C GLY B 180 0.55 5.33 -11.91
N TYR B 181 1.42 5.01 -10.97
CA TYR B 181 1.23 5.35 -9.59
C TYR B 181 -0.12 4.92 -9.05
N GLY B 182 -0.46 3.68 -9.39
CA GLY B 182 -1.71 3.09 -8.98
C GLY B 182 -2.78 3.04 -10.04
N LEU B 183 -2.70 3.89 -11.07
CA LEU B 183 -3.72 3.96 -12.13
C LEU B 183 -3.33 3.02 -13.24
N ASP B 184 -4.27 2.20 -13.68
CA ASP B 184 -4.02 1.23 -14.71
C ASP B 184 -4.86 1.45 -15.93
N PHE B 185 -4.46 0.75 -17.00
CA PHE B 185 -5.22 0.67 -18.22
C PHE B 185 -5.38 -0.83 -18.45
N ASP B 186 -6.58 -1.35 -18.20
CA ASP B 186 -6.88 -2.79 -18.31
C ASP B 186 -5.83 -3.63 -17.59
N GLY B 187 -5.52 -3.22 -16.37
CA GLY B 187 -4.54 -3.90 -15.52
C GLY B 187 -3.08 -3.57 -15.77
N ARG B 188 -2.79 -2.80 -16.82
CA ARG B 188 -1.42 -2.50 -17.18
C ARG B 188 -0.96 -1.13 -16.60
N TYR B 189 0.35 -0.99 -16.39
CA TYR B 189 1.02 0.24 -15.90
C TYR B 189 0.76 0.65 -14.48
N ARG B 190 0.12 -0.21 -13.71
CA ARG B 190 -0.26 0.17 -12.36
C ARG B 190 0.89 0.51 -11.46
N ASN B 191 2.01 -0.20 -11.64
CA ASN B 191 3.15 0.01 -10.80
C ASN B 191 4.20 0.99 -11.32
N LEU B 192 3.90 1.82 -12.32
CA LEU B 192 4.90 2.82 -12.71
C LEU B 192 5.08 3.76 -11.54
N PRO B 193 6.32 4.21 -11.30
CA PRO B 193 6.58 5.11 -10.17
C PRO B 193 6.13 6.53 -10.41
N ASP B 194 5.81 6.86 -11.66
CA ASP B 194 5.36 8.19 -12.05
C ASP B 194 4.06 8.09 -12.86
N ILE B 195 3.48 9.23 -13.18
CA ILE B 195 2.21 9.30 -13.88
C ILE B 195 2.39 9.85 -15.28
N HIS B 196 1.72 9.18 -16.21
CA HIS B 196 1.84 9.48 -17.62
C HIS B 196 0.49 9.63 -18.28
N VAL B 197 0.50 10.33 -19.40
CA VAL B 197 -0.68 10.43 -20.23
C VAL B 197 -0.57 9.23 -21.19
N LEU B 198 -1.65 8.51 -21.38
CA LEU B 198 -1.68 7.37 -22.27
C LEU B 198 -2.51 7.60 -23.55
N GLU B 199 -1.92 7.32 -24.70
CA GLU B 199 -2.65 7.32 -25.98
C GLU B 199 -2.78 5.82 -26.25
N PRO B 200 -3.98 5.24 -26.04
CA PRO B 200 -4.13 3.80 -26.25
C PRO B 200 -3.87 3.38 -27.70
N GLY B 201 -3.19 2.25 -27.88
CA GLY B 201 -2.88 1.74 -29.24
C GLY B 201 -4.09 1.31 -30.05
S SO4 C . 21.65 -3.75 0.02
O1 SO4 C . 21.68 -5.16 0.47
O2 SO4 C . 21.10 -2.81 1.02
O3 SO4 C . 23.03 -3.31 -0.33
O4 SO4 C . 20.79 -3.68 -1.18
S SO4 D . -0.82 -6.54 10.34
O1 SO4 D . -2.26 -6.30 9.90
O2 SO4 D . -0.75 -6.66 11.82
O3 SO4 D . -0.26 -7.75 9.65
O4 SO4 D . 0.09 -5.44 9.97
S SO4 E . 4.78 -3.48 -19.84
O1 SO4 E . 3.41 -3.10 -19.45
O2 SO4 E . 5.81 -3.07 -18.89
O3 SO4 E . 4.88 -4.95 -19.94
O4 SO4 E . 5.05 -2.80 -21.12
S SO4 F . 4.12 -14.00 10.48
O1 SO4 F . 3.07 -14.89 9.90
O2 SO4 F . 4.22 -14.13 11.95
O3 SO4 F . 5.44 -14.32 9.87
O4 SO4 F . 3.79 -12.60 10.16
C1 PEG G . -3.87 -1.77 14.29
O1 PEG G . -4.38 -0.69 15.07
C2 PEG G . -4.85 -2.96 14.30
O2 PEG G . -4.24 -4.08 13.66
C3 PEG G . -5.11 -4.91 12.90
C4 PEG G . -5.89 -5.89 13.77
O4 PEG G . -6.33 -7.02 12.99
S SO4 H . -26.37 1.95 -0.39
O1 SO4 H . -27.66 1.56 -1.00
O2 SO4 H . -26.63 2.83 0.78
O3 SO4 H . -25.65 0.72 0.04
O4 SO4 H . -25.55 2.68 -1.38
S SO4 I . 3.24 9.05 18.29
O1 SO4 I . 2.33 7.88 18.46
O2 SO4 I . 3.44 9.75 19.58
O3 SO4 I . 4.54 8.53 17.82
O4 SO4 I . 2.79 10.00 17.25
S SO4 J . -8.79 -0.30 -8.85
O1 SO4 J . -8.57 -0.90 -10.21
O2 SO4 J . -9.09 -1.43 -7.93
O3 SO4 J . -7.57 0.42 -8.42
O4 SO4 J . -9.78 0.80 -8.83
S SO4 K . -14.83 7.61 -8.85
O1 SO4 K . -16.18 7.26 -9.36
O2 SO4 K . -14.84 7.32 -7.39
O3 SO4 K . -13.84 6.86 -9.69
O4 SO4 K . -14.58 9.05 -9.03
C1 PEG L . -6.53 22.98 13.27
O1 PEG L . -5.37 22.28 13.72
C2 PEG L . -6.86 22.65 11.81
O2 PEG L . -7.84 23.52 11.29
C3 PEG L . -7.76 23.82 9.89
C4 PEG L . -8.73 22.98 9.05
O4 PEG L . -8.92 23.51 7.71
C1 PEG M . 3.35 22.72 -8.77
O1 PEG M . 2.84 22.46 -7.47
C2 PEG M . 2.46 22.08 -9.83
O2 PEG M . 3.07 20.85 -10.28
C3 PEG M . 3.29 20.81 -11.68
C4 PEG M . 4.15 19.62 -12.05
O4 PEG M . 3.87 19.20 -13.40
#